data_7WRN
#
_entry.id   7WRN
#
_cell.length_a   70.365
_cell.length_b   70.365
_cell.length_c   114.000
_cell.angle_alpha   90.000
_cell.angle_beta   90.000
_cell.angle_gamma   90.000
#
_symmetry.space_group_name_H-M   'P 42 21 2'
#
loop_
_entity.id
_entity.type
_entity.pdbx_description
1 polymer 'Epithelial splicing regulatory protein 1'
2 non-polymer GLYCEROL
3 water water
#
_entity_poly.entity_id   1
_entity_poly.type   'polypeptide(L)'
_entity_poly.pdbx_seq_one_letter_code
;MTASPDYLVVLFGITAGATGAKLGSDEKELILLFWKVVDLANKKVGQLHEVLVRPDQLELTEDCKEETKIDVESLSSASQ
LDQALRQFNQSVSNELNIGVGTSFCLCTDGQLHVRQILHPEASKKNVLLPECFYSFFDLRKEFKKCCPGSPDIDKLDVAT
MTEYLNFEKSSSVSRYGASQVEDMGNIILAMISEPYNHRFSDPERVNYKFESGTCSKMELIDDNTVVRARGLPWQSSDQD
IARFFKGLNIAKGGAALCLNAQGRRNGEALVRFVSEEHRDLALQRHKHHMGTRYIEVYKATGEDFLKIAG
;
_entity_poly.pdbx_strand_id   A
#
# COMPACT_ATOMS: atom_id res chain seq x y z
N ALA A 3 -12.39 5.21 11.67
CA ALA A 3 -13.03 4.14 12.44
C ALA A 3 -14.55 4.17 12.25
N SER A 4 -15.12 3.04 11.85
N SER A 4 -15.12 3.04 11.83
CA SER A 4 -16.54 2.94 11.54
CA SER A 4 -16.55 2.96 11.56
C SER A 4 -16.95 4.06 10.58
C SER A 4 -16.98 4.05 10.57
N PRO A 5 -16.38 4.09 9.38
CA PRO A 5 -16.62 5.20 8.47
C PRO A 5 -17.98 5.07 7.82
N ASP A 6 -18.48 6.21 7.31
CA ASP A 6 -19.71 6.17 6.52
C ASP A 6 -19.49 5.47 5.19
N TYR A 7 -18.32 5.69 4.57
CA TYR A 7 -17.98 5.24 3.23
C TYR A 7 -16.62 4.54 3.22
N LEU A 8 -16.47 3.57 2.34
CA LEU A 8 -15.15 3.07 1.97
C LEU A 8 -14.80 3.65 0.62
N VAL A 9 -13.53 3.93 0.40
CA VAL A 9 -13.01 4.28 -0.91
C VAL A 9 -12.12 3.11 -1.33
N VAL A 10 -12.64 2.26 -2.22
CA VAL A 10 -11.83 1.19 -2.77
C VAL A 10 -10.77 1.83 -3.67
N LEU A 11 -9.49 1.51 -3.42
CA LEU A 11 -8.36 2.12 -4.11
C LEU A 11 -7.43 1.03 -4.64
N PHE A 12 -6.99 1.16 -5.89
CA PHE A 12 -6.13 0.16 -6.51
C PHE A 12 -5.10 0.85 -7.39
N GLY A 13 -3.83 0.59 -7.13
CA GLY A 13 -2.74 1.25 -7.83
C GLY A 13 -2.04 0.29 -8.77
N ILE A 14 -1.58 0.83 -9.90
CA ILE A 14 -0.81 0.10 -10.90
C ILE A 14 0.49 0.86 -11.12
N THR A 15 1.62 0.14 -11.09
CA THR A 15 2.92 0.75 -11.35
C THR A 15 3.36 0.48 -12.78
N ALA A 16 4.51 1.05 -13.13
CA ALA A 16 5.18 0.78 -14.39
C ALA A 16 5.80 -0.60 -14.44
N GLY A 17 5.62 -1.45 -13.42
CA GLY A 17 6.28 -2.75 -13.40
C GLY A 17 5.40 -3.90 -12.94
N ALA A 18 5.86 -4.60 -11.91
CA ALA A 18 5.23 -5.85 -11.51
C ALA A 18 3.92 -5.59 -10.77
N THR A 19 3.02 -6.55 -10.90
CA THR A 19 1.69 -6.60 -10.29
C THR A 19 1.60 -7.71 -9.24
N GLY A 20 0.43 -7.82 -8.62
CA GLY A 20 0.15 -8.97 -7.75
C GLY A 20 1.06 -9.01 -6.54
N ALA A 21 1.54 -10.21 -6.22
CA ALA A 21 2.34 -10.38 -5.02
C ALA A 21 3.67 -9.64 -5.08
N LYS A 22 4.11 -9.23 -6.27
CA LYS A 22 5.37 -8.51 -6.43
C LYS A 22 5.18 -7.01 -6.56
N LEU A 23 3.95 -6.50 -6.39
CA LEU A 23 3.69 -5.07 -6.48
C LEU A 23 4.60 -4.28 -5.54
N GLY A 24 5.34 -3.30 -6.10
CA GLY A 24 6.25 -2.50 -5.31
C GLY A 24 7.64 -3.09 -5.11
N SER A 25 7.85 -4.37 -5.44
N SER A 25 7.85 -4.37 -5.45
CA SER A 25 9.15 -4.98 -5.19
CA SER A 25 9.13 -5.01 -5.20
C SER A 25 10.23 -4.46 -6.14
C SER A 25 10.22 -4.59 -6.19
N ASP A 26 9.85 -3.91 -7.30
CA ASP A 26 10.83 -3.46 -8.29
C ASP A 26 11.03 -1.96 -8.26
N GLU A 27 10.39 -1.26 -7.34
CA GLU A 27 10.57 0.18 -7.16
C GLU A 27 10.09 0.97 -8.37
N LYS A 28 9.17 0.41 -9.15
CA LYS A 28 8.60 1.11 -10.30
C LYS A 28 7.54 2.10 -9.84
N GLU A 29 7.41 3.21 -10.57
CA GLU A 29 6.53 4.28 -10.13
C GLU A 29 5.07 3.99 -10.42
N LEU A 30 4.20 4.62 -9.61
CA LEU A 30 2.76 4.63 -9.87
C LEU A 30 2.45 5.30 -11.21
N ILE A 31 1.62 4.63 -12.02
CA ILE A 31 1.19 5.22 -13.29
C ILE A 31 -0.34 5.29 -13.44
N LEU A 32 -1.09 4.61 -12.59
CA LEU A 32 -2.53 4.56 -12.80
C LEU A 32 -3.24 4.24 -11.50
N LEU A 33 -4.27 5.02 -11.16
CA LEU A 33 -4.95 4.80 -9.89
C LEU A 33 -6.46 4.70 -10.16
N PHE A 34 -7.08 3.62 -9.71
CA PHE A 34 -8.51 3.39 -9.84
C PHE A 34 -9.17 3.46 -8.47
N TRP A 35 -10.41 3.95 -8.41
CA TRP A 35 -11.13 3.92 -7.14
C TRP A 35 -12.65 3.99 -7.36
N LYS A 36 -13.38 3.66 -6.30
CA LYS A 36 -14.83 3.72 -6.28
C LYS A 36 -15.26 3.82 -4.82
N VAL A 37 -16.26 4.64 -4.54
CA VAL A 37 -16.75 4.79 -3.17
C VAL A 37 -17.85 3.76 -2.87
N VAL A 38 -17.95 3.34 -1.62
CA VAL A 38 -18.99 2.42 -1.17
C VAL A 38 -19.76 3.10 -0.04
N ASP A 39 -21.06 3.30 -0.25
CA ASP A 39 -21.97 3.84 0.76
C ASP A 39 -22.39 2.68 1.65
N LEU A 40 -21.82 2.59 2.85
CA LEU A 40 -22.00 1.39 3.67
C LEU A 40 -23.44 1.27 4.18
N ALA A 41 -23.96 2.31 4.84
CA ALA A 41 -25.30 2.21 5.41
C ALA A 41 -26.35 1.92 4.35
N ASN A 42 -26.20 2.53 3.18
CA ASN A 42 -27.19 2.39 2.10
C ASN A 42 -26.89 1.22 1.16
N LYS A 43 -25.75 0.56 1.32
CA LYS A 43 -25.32 -0.58 0.50
C LYS A 43 -25.38 -0.24 -1.00
N LYS A 44 -24.70 0.84 -1.37
CA LYS A 44 -24.61 1.26 -2.77
C LYS A 44 -23.16 1.57 -3.11
N VAL A 45 -22.79 1.37 -4.37
CA VAL A 45 -21.47 1.78 -4.84
C VAL A 45 -21.64 2.91 -5.83
N GLY A 46 -20.60 3.75 -5.93
CA GLY A 46 -20.54 4.81 -6.93
C GLY A 46 -19.90 4.33 -8.23
N GLN A 47 -19.65 5.28 -9.11
CA GLN A 47 -19.06 4.92 -10.39
C GLN A 47 -17.55 4.76 -10.24
N LEU A 48 -16.95 4.04 -11.19
CA LEU A 48 -15.51 3.86 -11.19
C LEU A 48 -14.80 5.14 -11.61
N HIS A 49 -13.69 5.46 -10.93
CA HIS A 49 -12.85 6.60 -11.27
C HIS A 49 -11.46 6.11 -11.63
N GLU A 50 -10.73 6.92 -12.38
CA GLU A 50 -9.31 6.65 -12.59
C GLU A 50 -8.57 7.96 -12.77
N VAL A 51 -7.28 7.95 -12.42
CA VAL A 51 -6.41 9.05 -12.81
C VAL A 51 -5.09 8.46 -13.28
N LEU A 52 -4.62 8.91 -14.43
CA LEU A 52 -3.29 8.56 -14.90
C LEU A 52 -2.23 9.34 -14.11
N VAL A 53 -1.08 8.72 -13.88
CA VAL A 53 0.00 9.39 -13.13
C VAL A 53 1.26 9.32 -13.96
N ARG A 54 1.76 10.47 -14.42
CA ARG A 54 2.94 10.46 -15.29
C ARG A 54 4.17 10.21 -14.44
N PRO A 55 4.93 9.14 -14.67
CA PRO A 55 6.11 8.87 -13.85
C PRO A 55 7.28 9.74 -14.28
N ASP A 56 8.28 9.86 -13.38
CA ASP A 56 9.52 10.54 -13.75
C ASP A 56 10.21 9.83 -14.90
N GLN A 57 10.12 8.50 -14.94
CA GLN A 57 10.71 7.68 -15.99
C GLN A 57 9.60 6.97 -16.75
N LEU A 58 9.33 7.44 -17.97
CA LEU A 58 8.28 6.86 -18.83
C LEU A 58 8.82 5.59 -19.50
N GLU A 59 8.87 4.55 -18.69
CA GLU A 59 9.40 3.22 -19.07
C GLU A 59 8.54 2.15 -18.41
N LEU A 60 7.77 1.42 -19.20
CA LEU A 60 6.97 0.32 -18.68
C LEU A 60 7.65 -1.00 -18.97
N THR A 61 7.63 -1.91 -18.00
CA THR A 61 8.13 -3.24 -18.30
C THR A 61 7.19 -3.91 -19.29
N GLU A 62 7.74 -4.82 -20.11
CA GLU A 62 6.89 -5.56 -21.04
C GLU A 62 5.77 -6.28 -20.30
N ASP A 63 6.05 -6.81 -19.11
CA ASP A 63 5.00 -7.44 -18.30
C ASP A 63 3.89 -6.46 -17.97
N CYS A 64 4.26 -5.26 -17.53
CA CYS A 64 3.27 -4.21 -17.27
C CYS A 64 2.41 -3.95 -18.51
N LYS A 65 3.07 -3.81 -19.66
CA LYS A 65 2.35 -3.49 -20.90
C LYS A 65 1.37 -4.60 -21.26
N GLU A 66 1.85 -5.85 -21.29
CA GLU A 66 0.94 -6.97 -21.59
C GLU A 66 -0.23 -7.02 -20.62
N GLU A 67 0.04 -6.90 -19.33
CA GLU A 67 -1.03 -7.13 -18.35
C GLU A 67 -2.00 -5.95 -18.25
N THR A 68 -1.52 -4.71 -18.33
CA THR A 68 -2.37 -3.55 -18.09
C THR A 68 -2.88 -2.87 -19.36
N LYS A 69 -2.17 -3.04 -20.48
CA LYS A 69 -2.52 -2.42 -21.77
C LYS A 69 -2.65 -0.90 -21.66
N ILE A 70 -1.86 -0.30 -20.78
CA ILE A 70 -1.85 1.15 -20.65
C ILE A 70 -1.21 1.76 -21.88
N ASP A 71 -1.83 2.80 -22.44
CA ASP A 71 -1.22 3.48 -23.58
C ASP A 71 -0.34 4.60 -23.05
N VAL A 72 0.96 4.51 -23.37
CA VAL A 72 1.95 5.46 -22.89
C VAL A 72 1.70 6.88 -23.41
N GLU A 73 1.04 7.02 -24.57
CA GLU A 73 0.80 8.36 -25.09
C GLU A 73 -0.01 9.20 -24.09
N SER A 74 -1.16 8.69 -23.66
CA SER A 74 -1.97 9.45 -22.73
C SER A 74 -1.25 9.66 -21.41
N LEU A 75 -0.45 8.68 -20.99
CA LEU A 75 0.31 8.80 -19.74
C LEU A 75 1.29 9.97 -19.82
N SER A 76 1.90 10.18 -20.98
CA SER A 76 2.93 11.20 -21.14
C SER A 76 2.36 12.61 -21.02
N SER A 77 1.05 12.77 -21.21
CA SER A 77 0.38 14.06 -21.07
C SER A 77 -0.15 14.30 -19.66
N ALA A 78 -0.06 13.32 -18.77
CA ALA A 78 -0.81 13.35 -17.50
C ALA A 78 -0.02 14.09 -16.41
N SER A 79 -0.70 14.34 -15.30
N SER A 79 -0.73 14.39 -15.32
CA SER A 79 -0.06 14.99 -14.17
CA SER A 79 -0.10 14.95 -14.12
C SER A 79 0.72 13.96 -13.34
C SER A 79 0.80 13.92 -13.44
N GLN A 80 1.77 14.44 -12.69
CA GLN A 80 2.59 13.62 -11.82
C GLN A 80 1.93 13.42 -10.45
N LEU A 81 2.61 12.63 -9.60
CA LEU A 81 2.01 12.11 -8.38
C LEU A 81 1.37 13.21 -7.52
N ASP A 82 2.07 14.33 -7.30
CA ASP A 82 1.54 15.35 -6.39
C ASP A 82 0.18 15.85 -6.85
N GLN A 83 0.07 16.26 -8.12
CA GLN A 83 -1.22 16.75 -8.62
C GLN A 83 -2.26 15.65 -8.73
N ALA A 84 -1.84 14.44 -9.09
CA ALA A 84 -2.82 13.35 -9.23
C ALA A 84 -3.47 13.01 -7.90
N LEU A 85 -2.69 12.92 -6.82
CA LEU A 85 -3.26 12.60 -5.52
C LEU A 85 -4.10 13.74 -4.97
N ARG A 86 -3.75 14.99 -5.28
CA ARG A 86 -4.63 16.10 -4.95
C ARG A 86 -5.94 15.98 -5.70
N GLN A 87 -5.88 15.61 -6.99
N GLN A 87 -5.87 15.63 -6.99
CA GLN A 87 -7.09 15.43 -7.77
CA GLN A 87 -7.08 15.42 -7.76
C GLN A 87 -7.94 14.30 -7.18
C GLN A 87 -7.93 14.32 -7.14
N PHE A 88 -7.31 13.18 -6.82
CA PHE A 88 -8.00 12.10 -6.13
C PHE A 88 -8.67 12.59 -4.84
N ASN A 89 -7.93 13.32 -3.98
CA ASN A 89 -8.51 13.83 -2.73
C ASN A 89 -9.71 14.72 -2.98
N GLN A 90 -9.57 15.68 -3.90
CA GLN A 90 -10.66 16.61 -4.17
C GLN A 90 -11.89 15.89 -4.72
N SER A 91 -11.68 14.91 -5.59
CA SER A 91 -12.78 14.14 -6.16
C SER A 91 -13.56 13.41 -5.06
N VAL A 92 -12.85 12.67 -4.20
CA VAL A 92 -13.50 11.94 -3.12
C VAL A 92 -14.26 12.89 -2.22
N SER A 93 -13.62 14.00 -1.80
CA SER A 93 -14.28 14.93 -0.90
C SER A 93 -15.54 15.49 -1.54
N ASN A 94 -15.49 15.79 -2.84
CA ASN A 94 -16.67 16.34 -3.49
C ASN A 94 -17.76 15.27 -3.61
N GLU A 95 -17.38 14.05 -3.98
CA GLU A 95 -18.38 13.02 -4.22
C GLU A 95 -19.08 12.62 -2.93
N LEU A 96 -18.35 12.58 -1.83
CA LEU A 96 -18.89 12.17 -0.54
C LEU A 96 -19.45 13.35 0.24
N ASN A 97 -19.35 14.57 -0.28
CA ASN A 97 -19.75 15.78 0.45
C ASN A 97 -19.19 15.75 1.87
N ILE A 98 -17.85 15.58 1.92
CA ILE A 98 -17.12 15.53 3.18
C ILE A 98 -17.33 16.78 4.03
N GLY A 99 -17.69 17.90 3.42
CA GLY A 99 -17.86 19.14 4.16
C GLY A 99 -18.99 19.12 5.18
N VAL A 100 -19.97 18.23 5.00
CA VAL A 100 -21.05 18.15 5.99
C VAL A 100 -20.68 17.24 7.15
N GLY A 101 -19.54 16.58 7.10
CA GLY A 101 -19.03 15.84 8.23
C GLY A 101 -19.08 14.35 8.15
N THR A 102 -19.23 13.79 6.96
CA THR A 102 -19.25 12.35 6.78
C THR A 102 -17.82 11.85 6.64
N SER A 103 -17.62 10.59 6.99
CA SER A 103 -16.27 10.03 7.06
C SER A 103 -16.07 8.94 6.01
N PHE A 104 -14.81 8.76 5.62
CA PHE A 104 -14.45 7.66 4.73
C PHE A 104 -13.11 7.05 5.14
N CYS A 105 -12.89 5.82 4.70
CA CYS A 105 -11.62 5.14 4.91
C CYS A 105 -11.23 4.41 3.64
N LEU A 106 -9.94 4.40 3.32
CA LEU A 106 -9.47 3.60 2.19
C LEU A 106 -9.68 2.10 2.43
N CYS A 107 -9.86 1.36 1.35
CA CYS A 107 -9.95 -0.10 1.39
C CYS A 107 -9.19 -0.67 0.21
N THR A 108 -8.29 -1.61 0.47
CA THR A 108 -7.42 -2.10 -0.58
C THR A 108 -7.36 -3.62 -0.59
N ASP A 109 -6.92 -4.12 -1.75
CA ASP A 109 -6.64 -5.52 -1.96
C ASP A 109 -5.28 -5.83 -1.36
N GLY A 110 -5.24 -6.17 -0.08
CA GLY A 110 -3.97 -6.51 0.57
C GLY A 110 -3.21 -5.29 1.04
N GLN A 111 -1.91 -5.48 1.29
CA GLN A 111 -1.04 -4.51 1.96
C GLN A 111 -0.23 -3.61 1.04
N LEU A 112 0.03 -4.04 -0.20
CA LEU A 112 1.10 -3.40 -0.96
C LEU A 112 0.69 -2.05 -1.55
N HIS A 113 -0.60 -1.84 -1.83
CA HIS A 113 -1.00 -0.58 -2.48
C HIS A 113 -0.66 0.64 -1.62
N VAL A 114 -1.06 0.63 -0.35
CA VAL A 114 -0.76 1.77 0.52
C VAL A 114 0.67 1.67 1.06
N ARG A 115 1.04 0.49 1.59
CA ARG A 115 2.30 0.38 2.35
C ARG A 115 3.52 0.34 1.44
N GLN A 116 3.43 -0.33 0.28
CA GLN A 116 4.59 -0.54 -0.57
C GLN A 116 4.67 0.41 -1.76
N ILE A 117 3.54 0.97 -2.21
CA ILE A 117 3.56 1.90 -3.35
C ILE A 117 3.44 3.35 -2.88
N LEU A 118 2.30 3.72 -2.30
CA LEU A 118 2.02 5.14 -2.12
C LEU A 118 3.00 5.79 -1.13
N HIS A 119 3.23 5.19 0.05
CA HIS A 119 4.08 5.88 1.02
C HIS A 119 5.53 5.98 0.59
N PRO A 120 6.17 4.93 0.11
CA PRO A 120 7.58 5.07 -0.32
C PRO A 120 7.73 6.01 -1.50
N GLU A 121 6.79 5.96 -2.45
CA GLU A 121 6.92 6.84 -3.61
C GLU A 121 6.72 8.29 -3.21
N ALA A 122 5.71 8.55 -2.37
CA ALA A 122 5.49 9.91 -1.90
C ALA A 122 6.70 10.41 -1.15
N SER A 123 7.29 9.56 -0.32
CA SER A 123 8.49 9.95 0.43
C SER A 123 9.60 10.38 -0.51
N LYS A 124 9.85 9.59 -1.55
CA LYS A 124 10.96 9.86 -2.45
C LYS A 124 10.75 11.15 -3.24
N LYS A 125 9.50 11.49 -3.52
CA LYS A 125 9.19 12.69 -4.31
C LYS A 125 8.82 13.88 -3.43
N ASN A 126 9.01 13.76 -2.12
CA ASN A 126 8.65 14.80 -1.16
C ASN A 126 7.21 15.27 -1.36
N VAL A 127 6.31 14.30 -1.56
CA VAL A 127 4.88 14.55 -1.62
C VAL A 127 4.30 14.28 -0.24
N LEU A 128 3.45 15.20 0.20
CA LEU A 128 2.76 15.10 1.49
C LEU A 128 1.43 14.41 1.24
N LEU A 129 1.35 13.13 1.55
CA LEU A 129 0.12 12.41 1.30
C LEU A 129 -1.02 13.01 2.13
N PRO A 130 -2.22 13.12 1.56
CA PRO A 130 -3.41 13.43 2.35
C PRO A 130 -3.61 12.45 3.50
N GLU A 131 -4.31 12.92 4.53
CA GLU A 131 -4.45 12.17 5.76
C GLU A 131 -5.06 10.78 5.54
N CYS A 132 -5.99 10.64 4.58
CA CYS A 132 -6.66 9.35 4.40
C CYS A 132 -5.68 8.22 4.02
N PHE A 133 -4.49 8.56 3.52
CA PHE A 133 -3.55 7.50 3.16
C PHE A 133 -2.85 6.89 4.36
N TYR A 134 -3.04 7.43 5.56
CA TYR A 134 -2.41 6.85 6.73
C TYR A 134 -3.27 5.81 7.43
N SER A 135 -4.40 5.42 6.82
CA SER A 135 -5.19 4.32 7.35
C SER A 135 -5.93 3.62 6.21
N PHE A 136 -6.24 2.33 6.42
CA PHE A 136 -6.94 1.57 5.39
C PHE A 136 -7.39 0.24 5.97
N PHE A 137 -8.45 -0.29 5.38
CA PHE A 137 -8.85 -1.66 5.60
C PHE A 137 -8.19 -2.54 4.54
N ASP A 138 -7.48 -3.56 4.97
CA ASP A 138 -7.07 -4.64 4.07
C ASP A 138 -8.28 -5.52 3.81
N LEU A 139 -8.88 -5.43 2.62
CA LEU A 139 -10.10 -6.18 2.39
C LEU A 139 -9.92 -7.67 2.60
N ARG A 140 -8.73 -8.21 2.30
CA ARG A 140 -8.50 -9.64 2.52
C ARG A 140 -8.67 -10.02 3.98
N LYS A 141 -8.06 -9.24 4.88
CA LYS A 141 -8.20 -9.48 6.31
C LYS A 141 -9.62 -9.30 6.77
N GLU A 142 -10.32 -8.29 6.24
CA GLU A 142 -11.72 -8.11 6.64
C GLU A 142 -12.56 -9.27 6.16
N PHE A 143 -12.33 -9.71 4.93
CA PHE A 143 -13.01 -10.87 4.37
C PHE A 143 -12.84 -12.09 5.26
N LYS A 144 -11.61 -12.34 5.72
CA LYS A 144 -11.32 -13.48 6.56
C LYS A 144 -12.14 -13.46 7.83
N LYS A 145 -12.26 -12.28 8.45
CA LYS A 145 -12.97 -12.24 9.73
C LYS A 145 -14.43 -12.55 9.55
N CYS A 146 -14.94 -12.24 8.35
CA CYS A 146 -16.32 -12.22 7.91
C CYS A 146 -16.81 -13.57 7.40
N CYS A 147 -15.96 -14.28 6.67
CA CYS A 147 -16.35 -15.39 5.80
C CYS A 147 -15.77 -16.73 6.26
N PRO A 148 -16.57 -17.61 6.85
CA PRO A 148 -16.05 -18.90 7.34
C PRO A 148 -15.65 -19.84 6.22
N GLY A 149 -14.68 -20.69 6.51
CA GLY A 149 -14.19 -21.64 5.53
C GLY A 149 -13.52 -20.98 4.33
N SER A 150 -13.02 -19.76 4.50
CA SER A 150 -12.34 -19.08 3.40
C SER A 150 -10.88 -19.49 3.36
N PRO A 151 -10.21 -19.26 2.23
CA PRO A 151 -8.80 -19.63 2.11
C PRO A 151 -7.94 -18.85 3.09
N ASP A 152 -6.78 -19.41 3.41
CA ASP A 152 -5.86 -18.71 4.30
C ASP A 152 -5.52 -17.33 3.75
N ILE A 153 -5.15 -16.42 4.65
CA ILE A 153 -4.89 -15.03 4.29
C ILE A 153 -3.82 -14.95 3.21
N ASP A 154 -2.81 -15.83 3.26
CA ASP A 154 -1.74 -15.85 2.26
C ASP A 154 -2.19 -16.31 0.88
N LYS A 155 -3.39 -16.88 0.77
CA LYS A 155 -3.94 -17.36 -0.48
C LYS A 155 -5.01 -16.44 -1.02
N LEU A 156 -5.37 -15.39 -0.30
CA LEU A 156 -6.51 -14.55 -0.67
C LEU A 156 -6.10 -13.50 -1.69
N ASP A 157 -7.00 -13.25 -2.62
CA ASP A 157 -6.90 -12.11 -3.52
C ASP A 157 -8.30 -11.84 -4.03
N VAL A 158 -8.42 -10.84 -4.90
CA VAL A 158 -9.74 -10.45 -5.36
C VAL A 158 -10.43 -11.61 -6.06
N ALA A 159 -9.69 -12.36 -6.88
CA ALA A 159 -10.30 -13.46 -7.62
C ALA A 159 -10.82 -14.54 -6.67
N THR A 160 -10.04 -14.90 -5.66
CA THR A 160 -10.47 -15.92 -4.71
C THR A 160 -11.69 -15.45 -3.93
N MET A 161 -11.74 -14.15 -3.68
CA MET A 161 -12.76 -13.58 -2.83
C MET A 161 -14.08 -13.54 -3.60
N THR A 162 -14.02 -13.17 -4.89
CA THR A 162 -15.22 -13.15 -5.72
C THR A 162 -15.73 -14.56 -5.97
N GLU A 163 -14.81 -15.53 -6.09
CA GLU A 163 -15.22 -16.90 -6.32
C GLU A 163 -15.94 -17.49 -5.11
N TYR A 164 -15.41 -17.21 -3.91
CA TYR A 164 -16.03 -17.66 -2.66
C TYR A 164 -17.47 -17.18 -2.58
N LEU A 165 -17.72 -15.95 -3.01
CA LEU A 165 -19.04 -15.33 -2.93
C LEU A 165 -19.92 -15.63 -4.15
N ASN A 166 -19.45 -16.44 -5.10
CA ASN A 166 -20.25 -16.88 -6.24
C ASN A 166 -20.56 -15.76 -7.24
N PHE A 167 -19.67 -14.78 -7.36
CA PHE A 167 -19.71 -13.81 -8.44
C PHE A 167 -18.77 -14.21 -9.57
N GLU A 168 -19.03 -13.64 -10.75
CA GLU A 168 -18.14 -13.83 -11.88
C GLU A 168 -17.10 -12.72 -11.92
N LYS A 169 -15.87 -13.09 -12.28
CA LYS A 169 -14.76 -12.15 -12.36
C LYS A 169 -14.94 -11.23 -13.57
N SER A 170 -14.86 -9.91 -13.36
CA SER A 170 -15.12 -9.01 -14.47
C SER A 170 -13.89 -8.73 -15.33
N SER A 171 -12.76 -9.42 -15.07
CA SER A 171 -11.61 -9.31 -15.96
C SER A 171 -11.88 -9.87 -17.35
N SER A 172 -12.92 -10.69 -17.51
CA SER A 172 -13.29 -11.15 -18.85
C SER A 172 -13.79 -10.01 -19.74
N VAL A 173 -14.04 -8.83 -19.18
CA VAL A 173 -14.68 -7.76 -19.93
C VAL A 173 -14.11 -6.40 -19.55
N SER A 174 -13.27 -6.37 -18.51
CA SER A 174 -12.74 -5.11 -17.97
C SER A 174 -11.22 -5.18 -17.93
N ARG A 175 -10.59 -4.01 -18.04
CA ARG A 175 -9.14 -3.96 -18.05
C ARG A 175 -8.59 -4.11 -16.63
N TYR A 176 -7.29 -4.36 -16.56
CA TYR A 176 -6.65 -4.56 -15.27
C TYR A 176 -6.85 -3.32 -14.41
N GLY A 177 -7.10 -3.53 -13.11
CA GLY A 177 -7.27 -2.40 -12.22
C GLY A 177 -8.73 -2.07 -12.07
N ALA A 178 -9.35 -1.69 -13.18
CA ALA A 178 -10.78 -1.43 -13.19
C ALA A 178 -11.57 -2.67 -12.75
N SER A 179 -11.19 -3.84 -13.27
CA SER A 179 -11.96 -5.04 -12.92
C SER A 179 -11.83 -5.33 -11.42
N GLN A 180 -10.63 -5.14 -10.84
CA GLN A 180 -10.46 -5.45 -9.42
C GLN A 180 -11.29 -4.52 -8.55
N VAL A 181 -11.30 -3.23 -8.89
CA VAL A 181 -12.11 -2.30 -8.11
C VAL A 181 -13.60 -2.63 -8.25
N GLU A 182 -14.05 -2.99 -9.46
CA GLU A 182 -15.46 -3.33 -9.58
C GLU A 182 -15.79 -4.57 -8.76
N ASP A 183 -14.91 -5.57 -8.80
CA ASP A 183 -15.14 -6.80 -8.04
C ASP A 183 -15.08 -6.55 -6.54
N MET A 184 -14.12 -5.73 -6.10
CA MET A 184 -14.03 -5.39 -4.69
C MET A 184 -15.28 -4.69 -4.22
N GLY A 185 -15.86 -3.82 -5.06
CA GLY A 185 -17.12 -3.22 -4.72
C GLY A 185 -18.19 -4.27 -4.45
N ASN A 186 -18.27 -5.29 -5.31
CA ASN A 186 -19.28 -6.34 -5.13
C ASN A 186 -18.97 -7.21 -3.92
N ILE A 187 -17.68 -7.46 -3.67
CA ILE A 187 -17.30 -8.19 -2.47
C ILE A 187 -17.79 -7.47 -1.22
N ILE A 188 -17.54 -6.16 -1.15
CA ILE A 188 -17.91 -5.39 0.03
C ILE A 188 -19.42 -5.39 0.24
N LEU A 189 -20.19 -5.15 -0.83
CA LEU A 189 -21.64 -5.18 -0.68
C LEU A 189 -22.12 -6.52 -0.14
N ALA A 190 -21.52 -7.62 -0.62
CA ALA A 190 -21.87 -8.95 -0.11
C ALA A 190 -21.53 -9.10 1.37
N MET A 191 -20.32 -8.67 1.79
CA MET A 191 -20.01 -8.86 3.19
C MET A 191 -20.82 -7.99 4.13
N ILE A 192 -21.30 -6.82 3.71
CA ILE A 192 -22.08 -6.02 4.65
C ILE A 192 -23.55 -6.39 4.67
N SER A 193 -23.97 -7.39 3.87
CA SER A 193 -25.35 -7.83 3.76
C SER A 193 -25.50 -9.22 4.39
N GLU A 194 -26.74 -9.69 4.44
CA GLU A 194 -26.97 -11.05 4.91
C GLU A 194 -26.35 -12.04 3.92
N PRO A 195 -25.83 -13.18 4.40
CA PRO A 195 -25.78 -13.62 5.81
C PRO A 195 -24.53 -13.19 6.57
N TYR A 196 -23.75 -12.25 6.05
CA TYR A 196 -22.48 -11.90 6.69
C TYR A 196 -22.61 -10.72 7.64
N ASN A 197 -23.24 -9.62 7.22
CA ASN A 197 -23.51 -8.48 8.10
C ASN A 197 -22.24 -7.94 8.76
N HIS A 198 -21.18 -7.85 7.97
CA HIS A 198 -19.90 -7.38 8.49
C HIS A 198 -19.97 -5.90 8.80
N ARG A 199 -19.28 -5.49 9.87
CA ARG A 199 -19.09 -4.09 10.18
C ARG A 199 -17.61 -3.75 10.00
N PHE A 200 -17.32 -2.67 9.28
CA PHE A 200 -15.95 -2.18 9.17
C PHE A 200 -15.67 -1.27 10.37
N SER A 201 -14.78 -1.68 11.26
CA SER A 201 -14.54 -0.98 12.51
C SER A 201 -13.28 -0.13 12.47
N ASP A 202 -12.21 -0.53 13.21
CA ASP A 202 -10.98 0.26 13.21
C ASP A 202 -10.05 -0.22 12.09
N PRO A 203 -9.62 0.66 11.18
CA PRO A 203 -8.67 0.27 10.13
C PRO A 203 -7.26 0.09 10.70
N GLU A 204 -6.40 -0.51 9.86
CA GLU A 204 -4.97 -0.51 10.06
C GLU A 204 -4.42 0.91 9.93
N ARG A 205 -3.23 1.13 10.51
CA ARG A 205 -2.62 2.46 10.51
C ARG A 205 -1.25 2.40 9.84
N VAL A 206 -0.85 3.53 9.26
CA VAL A 206 0.50 3.73 8.74
C VAL A 206 1.23 4.66 9.69
N ASN A 207 2.27 4.15 10.37
CA ASN A 207 3.03 4.97 11.30
C ASN A 207 3.66 6.17 10.59
N TYR A 208 3.63 7.32 11.25
CA TYR A 208 4.28 8.51 10.73
C TYR A 208 5.25 9.13 11.71
N LYS A 209 5.12 8.81 13.00
CA LYS A 209 6.08 9.28 13.99
C LYS A 209 7.30 8.37 14.00
N PHE A 210 8.34 8.84 14.67
CA PHE A 210 9.53 8.02 14.84
C PHE A 210 10.32 8.51 16.03
N GLU A 211 10.65 7.60 16.94
CA GLU A 211 11.44 7.92 18.12
C GLU A 211 12.59 6.93 18.28
N ASP A 222 11.77 -10.96 19.05
CA ASP A 222 11.36 -12.05 18.17
C ASP A 222 12.04 -11.94 16.81
N ASP A 223 12.93 -12.92 16.53
CA ASP A 223 13.74 -12.93 15.31
C ASP A 223 12.98 -12.50 14.06
N ASN A 224 11.79 -13.06 13.85
CA ASN A 224 11.14 -12.99 12.54
C ASN A 224 10.63 -11.61 12.20
N THR A 225 10.90 -10.60 13.04
CA THR A 225 10.41 -9.25 12.83
C THR A 225 11.51 -8.22 12.58
N VAL A 226 12.79 -8.62 12.56
CA VAL A 226 13.91 -7.68 12.51
C VAL A 226 14.59 -7.79 11.15
N VAL A 227 15.03 -6.66 10.59
CA VAL A 227 15.87 -6.70 9.42
C VAL A 227 17.18 -5.99 9.74
N ARG A 228 18.19 -6.29 8.93
CA ARG A 228 19.46 -5.57 8.94
C ARG A 228 19.57 -4.87 7.59
N ALA A 229 19.62 -3.54 7.63
CA ALA A 229 19.87 -2.76 6.42
C ALA A 229 21.36 -2.46 6.34
N ARG A 230 21.89 -2.49 5.11
CA ARG A 230 23.31 -2.30 4.87
C ARG A 230 23.49 -1.31 3.73
N GLY A 231 24.56 -0.52 3.80
CA GLY A 231 24.84 0.46 2.76
C GLY A 231 24.40 1.88 3.05
N LEU A 232 24.11 2.22 4.30
CA LEU A 232 23.67 3.56 4.61
C LEU A 232 24.80 4.56 4.38
N PRO A 233 24.52 5.70 3.77
CA PRO A 233 25.56 6.73 3.58
C PRO A 233 26.00 7.27 4.93
N TRP A 234 27.24 7.76 4.99
CA TRP A 234 27.80 8.21 6.27
C TRP A 234 26.93 9.29 6.91
N GLN A 235 26.27 10.11 6.10
CA GLN A 235 25.42 11.18 6.60
C GLN A 235 24.05 10.70 7.11
N SER A 236 23.75 9.41 7.03
CA SER A 236 22.42 8.91 7.38
C SER A 236 22.10 9.10 8.86
N SER A 237 20.83 9.36 9.15
CA SER A 237 20.37 9.46 10.52
C SER A 237 19.37 8.34 10.84
N ASP A 238 19.04 8.24 12.13
CA ASP A 238 17.87 7.49 12.56
C ASP A 238 16.70 7.73 11.61
N GLN A 239 16.39 9.01 11.40
CA GLN A 239 15.19 9.38 10.66
C GLN A 239 15.24 8.92 9.21
N ASP A 240 16.44 8.82 8.65
CA ASP A 240 16.55 8.43 7.25
C ASP A 240 16.14 6.98 7.05
N ILE A 241 16.56 6.09 7.94
CA ILE A 241 16.19 4.69 7.79
C ILE A 241 14.70 4.52 8.03
N ALA A 242 14.13 5.29 8.95
CA ALA A 242 12.69 5.23 9.15
C ALA A 242 11.95 5.60 7.87
N ARG A 243 12.41 6.66 7.18
CA ARG A 243 11.80 7.05 5.92
C ARG A 243 12.00 6.00 4.82
N PHE A 244 13.17 5.35 4.80
CA PHE A 244 13.36 4.29 3.82
C PHE A 244 12.27 3.22 3.94
N PHE A 245 11.79 3.00 5.15
CA PHE A 245 10.75 2.01 5.45
C PHE A 245 9.37 2.65 5.61
N LYS A 246 9.16 3.83 5.04
CA LYS A 246 7.87 4.50 5.18
C LYS A 246 6.76 3.65 4.58
N GLY A 247 5.63 3.60 5.27
CA GLY A 247 4.56 2.67 4.94
C GLY A 247 4.47 1.50 5.89
N LEU A 248 5.59 1.13 6.51
CA LEU A 248 5.63 0.03 7.45
C LEU A 248 5.61 0.56 8.88
N ASN A 249 5.22 -0.30 9.82
CA ASN A 249 5.13 0.08 11.22
C ASN A 249 6.35 -0.47 11.98
N ILE A 250 7.28 0.42 12.30
CA ILE A 250 8.42 0.05 13.14
C ILE A 250 7.95 0.03 14.59
N ALA A 251 8.40 -0.98 15.35
CA ALA A 251 8.10 -1.02 16.78
C ALA A 251 8.68 0.21 17.46
N LYS A 252 8.07 0.61 18.57
CA LYS A 252 8.60 1.74 19.32
C LYS A 252 10.04 1.44 19.70
N GLY A 253 10.91 2.42 19.50
CA GLY A 253 12.33 2.23 19.73
C GLY A 253 12.98 1.22 18.81
N GLY A 254 12.34 0.88 17.71
CA GLY A 254 12.78 -0.26 16.93
C GLY A 254 13.70 0.04 15.77
N ALA A 255 14.30 1.22 15.72
CA ALA A 255 15.26 1.54 14.66
C ALA A 255 16.51 2.13 15.28
N ALA A 256 17.66 1.49 15.03
CA ALA A 256 18.94 1.98 15.52
C ALA A 256 20.01 1.83 14.44
N LEU A 257 20.89 2.82 14.37
CA LEU A 257 22.08 2.74 13.54
C LEU A 257 23.15 1.98 14.29
N CYS A 258 23.83 1.07 13.60
CA CYS A 258 24.81 0.23 14.27
C CYS A 258 26.18 0.89 14.30
N LEU A 259 26.99 0.46 15.25
CA LEU A 259 28.37 0.88 15.41
C LEU A 259 29.29 -0.32 15.21
N ASN A 260 30.52 -0.06 14.77
CA ASN A 260 31.51 -1.12 14.66
C ASN A 260 32.24 -1.27 15.99
N ALA A 261 33.21 -2.20 16.01
CA ALA A 261 33.93 -2.51 17.24
C ALA A 261 34.63 -1.29 17.82
N GLN A 262 34.78 -0.22 17.04
CA GLN A 262 35.48 0.98 17.46
C GLN A 262 34.56 2.17 17.70
N GLY A 263 33.25 1.93 17.73
CA GLY A 263 32.31 2.99 18.04
C GLY A 263 31.99 3.93 16.91
N ARG A 264 32.42 3.63 15.68
CA ARG A 264 32.02 4.41 14.53
C ARG A 264 30.79 3.79 13.89
N ARG A 265 29.98 4.62 13.24
CA ARG A 265 28.85 4.10 12.50
C ARG A 265 29.36 3.16 11.42
N ASN A 266 28.68 2.04 11.24
CA ASN A 266 29.22 0.98 10.38
C ASN A 266 28.46 0.83 9.09
N GLY A 267 27.53 1.74 8.80
CA GLY A 267 26.74 1.70 7.59
C GLY A 267 25.57 0.74 7.62
N GLU A 268 25.28 0.13 8.77
CA GLU A 268 24.16 -0.79 8.93
C GLU A 268 23.15 -0.23 9.94
N ALA A 269 21.94 -0.76 9.87
CA ALA A 269 20.90 -0.41 10.81
C ALA A 269 20.11 -1.68 11.12
N LEU A 270 19.69 -1.82 12.37
CA LEU A 270 18.76 -2.88 12.73
C LEU A 270 17.39 -2.26 12.95
N VAL A 271 16.36 -2.85 12.33
CA VAL A 271 15.01 -2.31 12.38
C VAL A 271 14.05 -3.43 12.76
N ARG A 272 13.34 -3.25 13.88
CA ARG A 272 12.36 -4.20 14.36
C ARG A 272 10.96 -3.69 14.01
N PHE A 273 10.22 -4.47 13.24
CA PHE A 273 8.87 -4.11 12.84
C PHE A 273 7.87 -4.75 13.80
N VAL A 274 6.60 -4.36 13.64
CA VAL A 274 5.53 -4.91 14.46
C VAL A 274 5.16 -6.32 14.08
N SER A 275 5.59 -6.80 12.91
CA SER A 275 5.08 -8.09 12.46
C SER A 275 6.00 -8.71 11.43
N GLU A 276 5.98 -10.04 11.38
CA GLU A 276 6.66 -10.72 10.29
C GLU A 276 6.10 -10.26 8.94
N GLU A 277 4.81 -9.90 8.90
CA GLU A 277 4.21 -9.31 7.71
C GLU A 277 5.01 -8.11 7.23
N HIS A 278 5.26 -7.18 8.13
CA HIS A 278 5.98 -5.97 7.77
C HIS A 278 7.46 -6.27 7.53
N ARG A 279 8.03 -7.20 8.29
CA ARG A 279 9.41 -7.61 8.02
C ARG A 279 9.53 -8.11 6.58
N ASP A 280 8.56 -8.92 6.13
CA ASP A 280 8.58 -9.42 4.77
C ASP A 280 8.44 -8.30 3.76
N LEU A 281 7.58 -7.32 4.04
CA LEU A 281 7.48 -6.18 3.14
C LEU A 281 8.82 -5.46 3.05
N ALA A 282 9.50 -5.32 4.18
CA ALA A 282 10.81 -4.66 4.20
C ALA A 282 11.85 -5.43 3.39
N LEU A 283 11.81 -6.77 3.46
CA LEU A 283 12.73 -7.55 2.65
C LEU A 283 12.52 -7.30 1.17
N GLN A 284 11.28 -6.98 0.76
CA GLN A 284 11.03 -6.69 -0.63
C GLN A 284 11.56 -5.32 -1.05
N ARG A 285 12.14 -4.55 -0.11
CA ARG A 285 12.83 -3.31 -0.44
C ARG A 285 14.33 -3.49 -0.58
N HIS A 286 14.80 -4.73 -0.67
CA HIS A 286 16.21 -5.01 -0.87
C HIS A 286 16.71 -4.37 -2.17
N LYS A 287 17.76 -3.57 -2.05
CA LYS A 287 18.35 -2.82 -3.16
C LYS A 287 17.43 -1.72 -3.72
N HIS A 288 16.40 -1.33 -2.98
CA HIS A 288 15.76 -0.06 -3.26
C HIS A 288 16.71 1.06 -2.84
N HIS A 289 16.34 2.30 -3.17
CA HIS A 289 17.30 3.40 -3.16
C HIS A 289 17.04 4.37 -2.01
N MET A 290 18.14 4.86 -1.45
CA MET A 290 18.17 6.06 -0.60
C MET A 290 19.00 7.04 -1.42
N GLY A 291 18.34 7.98 -2.08
CA GLY A 291 19.06 8.78 -3.06
C GLY A 291 19.52 7.85 -4.17
N THR A 292 20.79 7.93 -4.56
CA THR A 292 21.32 7.05 -5.60
C THR A 292 21.92 5.77 -5.05
N ARG A 293 21.92 5.58 -3.74
CA ARG A 293 22.59 4.44 -3.11
C ARG A 293 21.62 3.27 -2.98
N TYR A 294 22.09 2.07 -3.29
CA TYR A 294 21.36 0.86 -2.92
C TYR A 294 21.38 0.68 -1.42
N ILE A 295 20.25 0.30 -0.85
CA ILE A 295 20.18 -0.12 0.53
C ILE A 295 19.85 -1.61 0.53
N GLU A 296 20.73 -2.42 1.08
CA GLU A 296 20.50 -3.85 1.19
C GLU A 296 19.66 -4.15 2.43
N VAL A 297 18.77 -5.13 2.32
CA VAL A 297 17.87 -5.48 3.41
C VAL A 297 17.91 -6.99 3.59
N TYR A 298 18.38 -7.43 4.76
CA TYR A 298 18.56 -8.83 5.09
C TYR A 298 17.70 -9.18 6.29
N LYS A 299 17.41 -10.46 6.45
CA LYS A 299 16.91 -10.93 7.73
C LYS A 299 17.98 -10.74 8.79
N ALA A 300 17.54 -10.61 10.05
CA ALA A 300 18.44 -10.51 11.20
C ALA A 300 17.86 -11.30 12.36
N THR A 301 18.71 -11.59 13.34
CA THR A 301 18.31 -12.30 14.55
C THR A 301 18.10 -11.31 15.69
N GLY A 302 17.12 -11.60 16.55
CA GLY A 302 16.69 -10.66 17.57
C GLY A 302 17.71 -10.39 18.66
N GLU A 303 18.67 -11.29 18.86
CA GLU A 303 19.67 -11.08 19.90
C GLU A 303 20.51 -9.84 19.61
N ASP A 304 20.74 -9.50 18.33
CA ASP A 304 21.58 -8.36 18.01
C ASP A 304 20.88 -7.04 18.29
N PHE A 305 19.56 -6.97 18.13
CA PHE A 305 18.88 -5.70 18.39
C PHE A 305 18.90 -5.34 19.88
N LEU A 306 18.71 -6.33 20.75
CA LEU A 306 18.87 -6.11 22.19
C LEU A 306 20.12 -5.29 22.46
N LYS A 307 21.27 -5.83 22.05
CA LYS A 307 22.53 -5.15 22.32
C LYS A 307 22.57 -3.75 21.72
N ILE A 308 21.90 -3.55 20.58
CA ILE A 308 22.06 -2.30 19.82
C ILE A 308 21.37 -1.14 20.54
N ALA A 309 20.07 -1.26 20.77
CA ALA A 309 19.32 -0.15 21.36
C ALA A 309 18.51 -0.63 22.57
#